data_4OFE
#
_entry.id   4OFE
#
_cell.length_a   41.722
_cell.length_b   55.605
_cell.length_c   104.245
_cell.angle_alpha   90.00
_cell.angle_beta   90.00
_cell.angle_gamma   90.00
#
_symmetry.space_group_name_H-M   'P 21 21 21'
#
loop_
_entity.id
_entity.type
_entity.pdbx_description
1 polymer 'Methyl-CpG-binding domain protein 4'
2 polymer '12-mer DNA(T)'
3 polymer '12-mer DNA(G)'
4 non-polymer 'MAGNESIUM ION'
5 water water
#
loop_
_entity_poly.entity_id
_entity_poly.type
_entity_poly.pdbx_seq_one_letter_code
_entity_poly.pdbx_strand_id
1 'polypeptide(L)'
;MGSSHHHHHHSSGLVPRGSHMASMTGGQQMGRGSEFMALSPPRRKAFKKWTPPRSPFNLVQETLFHDPWKLLIATIFLNK
TSGKMAIPVLWKFLEKYPSAEVARTADWRDVSELLKPLGLYDLRAKTIVKFSDEYLTKQWKYPIELHGIGKYGNDSYRIF
CVNEWKQVHPENHKLNKYHDWLWENHEKLSLS
;
A
2 'polydeoxyribonucleotide' (DC)(DC)(DA)(DG)(DC)(DG)(DT)(DG)(DC)(DA)(DG)(DC) C
3 'polydeoxyribonucleotide' (DG)(DC)(DT)(DG)(DC)(DG)(DC)(DG)(DC)(DT)(DG)(DG) D
#
# COMPACT_ATOMS: atom_id res chain seq x y z
N TRP A 50 17.53 -5.41 0.66
CA TRP A 50 16.36 -6.32 0.40
C TRP A 50 15.54 -5.78 -0.75
N THR A 51 15.41 -6.61 -1.76
CA THR A 51 14.59 -6.28 -2.92
C THR A 51 13.59 -7.42 -3.12
N PRO A 52 12.32 -7.17 -2.85
CA PRO A 52 11.36 -8.26 -3.05
C PRO A 52 11.34 -8.62 -4.53
N PRO A 53 11.26 -9.91 -4.85
CA PRO A 53 11.33 -10.31 -6.26
C PRO A 53 10.02 -10.08 -7.01
N ARG A 54 10.13 -9.94 -8.34
CA ARG A 54 8.95 -9.90 -9.19
C ARG A 54 8.31 -11.30 -9.16
N SER A 55 6.98 -11.36 -9.21
CA SER A 55 6.29 -12.66 -9.21
C SER A 55 5.43 -12.83 -10.42
N PRO A 56 4.99 -14.07 -10.71
CA PRO A 56 4.06 -14.24 -11.83
C PRO A 56 2.69 -13.67 -11.52
N PHE A 57 2.49 -13.16 -10.31
CA PHE A 57 1.17 -12.65 -9.92
C PHE A 57 1.06 -11.12 -10.01
N ASN A 58 2.18 -10.46 -10.31
CA ASN A 58 2.16 -9.03 -10.59
C ASN A 58 1.41 -8.16 -9.58
N LEU A 59 1.80 -8.27 -8.32
CA LEU A 59 1.28 -7.37 -7.26
C LEU A 59 1.87 -6.01 -7.47
N VAL A 60 1.04 -4.96 -7.38
CA VAL A 60 1.57 -3.63 -7.61
C VAL A 60 2.61 -3.28 -6.52
N GLN A 61 2.52 -3.94 -5.37
CA GLN A 61 3.51 -3.76 -4.29
C GLN A 61 4.92 -4.04 -4.78
N GLU A 62 5.07 -4.92 -5.77
CA GLU A 62 6.39 -5.29 -6.32
C GLU A 62 7.16 -4.11 -6.93
N THR A 63 6.44 -3.07 -7.39
CA THR A 63 7.07 -1.92 -8.01
C THR A 63 7.11 -0.69 -7.12
N LEU A 64 6.41 -0.71 -5.99
CA LEU A 64 6.31 0.48 -5.15
C LEU A 64 7.15 0.44 -3.88
N PHE A 65 7.83 -0.69 -3.64
CA PHE A 65 8.48 -0.91 -2.33
C PHE A 65 9.55 0.13 -1.98
N HIS A 66 10.09 0.85 -2.95
CA HIS A 66 11.15 1.83 -2.66
C HIS A 66 10.60 3.02 -1.84
N ASP A 67 9.29 3.26 -1.95
CA ASP A 67 8.65 4.39 -1.24
C ASP A 67 7.49 3.82 -0.41
N PRO A 68 7.74 3.60 0.88
CA PRO A 68 6.75 2.98 1.74
C PRO A 68 5.40 3.72 1.80
N TRP A 69 5.42 5.06 1.74
CA TRP A 69 4.21 5.83 1.73
C TRP A 69 3.39 5.50 0.49
N LYS A 70 4.05 5.48 -0.66
CA LYS A 70 3.36 5.14 -1.91
C LYS A 70 2.82 3.72 -1.88
N LEU A 71 3.63 2.79 -1.37
CA LEU A 71 3.16 1.41 -1.26
C LEU A 71 1.90 1.33 -0.39
N LEU A 72 1.88 2.07 0.70
CA LEU A 72 0.76 2.01 1.65
C LEU A 72 -0.48 2.68 1.11
N ILE A 73 -0.30 3.82 0.42
CA ILE A 73 -1.38 4.45 -0.31
C ILE A 73 -1.99 3.47 -1.31
N ALA A 74 -1.15 2.69 -2.00
CA ALA A 74 -1.68 1.69 -2.90
C ALA A 74 -2.54 0.66 -2.19
N THR A 75 -2.12 0.21 -1.02
CA THR A 75 -2.96 -0.80 -0.32
C THR A 75 -4.34 -0.19 -0.02
N ILE A 76 -4.36 1.09 0.33
CA ILE A 76 -5.59 1.78 0.60
C ILE A 76 -6.47 1.84 -0.61
N PHE A 77 -5.86 2.19 -1.75
CA PHE A 77 -6.57 2.21 -3.05
C PHE A 77 -7.19 0.87 -3.38
N LEU A 78 -6.61 -0.22 -2.86
CA LEU A 78 -7.05 -1.55 -3.18
C LEU A 78 -8.04 -2.11 -2.17
N ASN A 79 -8.42 -1.32 -1.16
CA ASN A 79 -9.41 -1.80 -0.18
C ASN A 79 -10.70 -2.06 -0.92
N LYS A 80 -11.08 -3.33 -1.05
CA LYS A 80 -12.33 -3.73 -1.73
C LYS A 80 -12.51 -3.08 -3.09
N THR A 81 -11.42 -2.95 -3.85
CA THR A 81 -11.45 -2.25 -5.13
C THR A 81 -10.49 -3.01 -6.06
N SER A 82 -10.92 -3.33 -7.28
CA SER A 82 -10.04 -4.08 -8.19
C SER A 82 -8.81 -3.25 -8.55
N GLY A 83 -7.67 -3.91 -8.66
CA GLY A 83 -6.47 -3.26 -9.15
C GLY A 83 -6.66 -2.65 -10.52
N LYS A 84 -7.56 -3.24 -11.32
CA LYS A 84 -7.69 -2.85 -12.70
C LYS A 84 -8.20 -1.42 -12.80
N MET A 85 -9.07 -1.04 -11.88
CA MET A 85 -9.62 0.31 -11.83
C MET A 85 -8.79 1.21 -10.94
N ALA A 86 -8.24 0.66 -9.85
CA ALA A 86 -7.63 1.48 -8.84
C ALA A 86 -6.23 1.94 -9.23
N ILE A 87 -5.46 1.07 -9.87
CA ILE A 87 -4.08 1.41 -10.17
C ILE A 87 -3.95 2.60 -11.13
N PRO A 88 -4.78 2.65 -12.21
CA PRO A 88 -4.65 3.85 -13.04
C PRO A 88 -4.97 5.17 -12.33
N VAL A 89 -5.94 5.14 -11.44
CA VAL A 89 -6.32 6.33 -10.66
C VAL A 89 -5.21 6.67 -9.66
N LEU A 90 -4.52 5.64 -9.18
CA LEU A 90 -3.34 5.81 -8.31
C LEU A 90 -2.29 6.73 -8.92
N TRP A 91 -1.95 6.52 -10.18
CA TRP A 91 -0.95 7.36 -10.83
C TRP A 91 -1.41 8.80 -10.93
N LYS A 92 -2.70 8.97 -11.19
CA LYS A 92 -3.28 10.30 -11.23
C LYS A 92 -3.19 10.95 -9.87
N PHE A 93 -3.44 10.17 -8.81
CA PHE A 93 -3.37 10.68 -7.45
C PHE A 93 -1.94 11.13 -7.11
N LEU A 94 -0.97 10.24 -7.36
CA LEU A 94 0.43 10.50 -7.00
C LEU A 94 1.03 11.65 -7.78
N GLU A 95 0.55 11.83 -9.00
CA GLU A 95 0.97 12.95 -9.81
C GLU A 95 0.57 14.26 -9.14
N LYS A 96 -0.60 14.29 -8.52
CA LYS A 96 -1.09 15.50 -7.87
C LYS A 96 -0.67 15.56 -6.38
N TYR A 97 -0.42 14.39 -5.79
CA TYR A 97 0.02 14.34 -4.40
C TYR A 97 1.26 13.48 -4.32
N PRO A 98 2.41 14.05 -4.69
CA PRO A 98 3.59 13.20 -4.83
C PRO A 98 4.14 12.68 -3.51
N SER A 99 3.74 13.27 -2.39
CA SER A 99 4.29 12.87 -1.10
C SER A 99 3.29 12.99 0.06
N ALA A 100 3.63 12.34 1.18
CA ALA A 100 2.87 12.47 2.42
C ALA A 100 2.77 13.94 2.80
N GLU A 101 3.87 14.66 2.64
CA GLU A 101 3.94 16.10 2.96
C GLU A 101 2.81 16.88 2.27
N VAL A 102 2.56 16.55 1.01
CA VAL A 102 1.51 17.20 0.23
C VAL A 102 0.14 16.70 0.64
N ALA A 103 0.00 15.38 0.71
CA ALA A 103 -1.28 14.76 1.03
C ALA A 103 -1.82 15.23 2.39
N ARG A 104 -0.93 15.45 3.37
CA ARG A 104 -1.40 15.77 4.70
C ARG A 104 -2.01 17.17 4.74
N THR A 105 -1.70 18.01 3.77
CA THR A 105 -2.29 19.35 3.66
C THR A 105 -3.43 19.42 2.66
N ALA A 106 -3.80 18.33 2.04
CA ALA A 106 -4.90 18.35 1.08
C ALA A 106 -6.29 18.54 1.74
N ASP A 107 -7.22 19.13 0.97
CA ASP A 107 -8.62 19.13 1.33
C ASP A 107 -9.18 17.80 0.87
N TRP A 108 -9.71 16.99 1.79
CA TRP A 108 -10.17 15.65 1.46
C TRP A 108 -11.29 15.64 0.43
N ARG A 109 -12.02 16.75 0.34
CA ARG A 109 -13.12 16.85 -0.58
C ARG A 109 -12.60 16.81 -2.01
N ASP A 110 -11.46 17.47 -2.24
CA ASP A 110 -10.78 17.42 -3.51
C ASP A 110 -10.25 16.02 -3.79
N VAL A 111 -9.63 15.39 -2.80
CA VAL A 111 -9.11 14.03 -3.00
C VAL A 111 -10.28 13.11 -3.35
N SER A 112 -11.41 13.31 -2.71
CA SER A 112 -12.61 12.48 -2.97
C SER A 112 -13.11 12.55 -4.42
N GLU A 113 -13.14 13.75 -4.99
CA GLU A 113 -13.48 13.91 -6.42
C GLU A 113 -12.62 13.04 -7.32
N LEU A 114 -11.33 12.97 -7.03
CA LEU A 114 -10.42 12.10 -7.76
C LEU A 114 -10.76 10.61 -7.58
N LEU A 115 -11.12 10.24 -6.35
CA LEU A 115 -11.35 8.84 -6.00
C LEU A 115 -12.72 8.32 -6.36
N LYS A 116 -13.58 9.24 -6.79
CA LYS A 116 -15.00 8.98 -7.03
C LYS A 116 -15.30 7.66 -7.76
N PRO A 117 -14.66 7.44 -8.91
CA PRO A 117 -15.14 6.23 -9.63
C PRO A 117 -14.67 4.91 -9.00
N LEU A 118 -13.83 4.99 -7.97
CA LEU A 118 -13.39 3.82 -7.20
C LEU A 118 -14.31 3.42 -6.03
N GLY A 119 -15.36 4.20 -5.74
CA GLY A 119 -16.18 3.99 -4.56
C GLY A 119 -15.41 4.29 -3.26
N LEU A 120 -16.10 4.23 -2.12
CA LEU A 120 -15.50 4.53 -0.82
C LEU A 120 -14.70 5.84 -0.86
N TYR A 121 -15.25 6.85 -1.55
CA TYR A 121 -14.42 8.02 -1.96
C TYR A 121 -14.25 9.02 -0.81
N ASP A 122 -15.32 9.30 -0.08
CA ASP A 122 -15.20 10.17 1.11
C ASP A 122 -14.40 9.46 2.22
N LEU A 123 -14.76 8.21 2.49
CA LEU A 123 -14.05 7.41 3.49
C LEU A 123 -12.55 7.39 3.20
N ARG A 124 -12.19 7.06 1.97
CA ARG A 124 -10.74 6.92 1.69
C ARG A 124 -10.03 8.22 1.57
N ALA A 125 -10.72 9.25 1.08
CA ALA A 125 -10.08 10.57 1.02
C ALA A 125 -9.71 11.07 2.42
N LYS A 126 -10.65 10.95 3.34
CA LYS A 126 -10.37 11.33 4.74
C LYS A 126 -9.25 10.44 5.31
N THR A 127 -9.32 9.17 5.00
CA THR A 127 -8.26 8.22 5.48
C THR A 127 -6.89 8.64 5.01
N ILE A 128 -6.79 8.96 3.73
CA ILE A 128 -5.51 9.29 3.09
C ILE A 128 -4.87 10.53 3.71
N VAL A 129 -5.66 11.58 3.95
CA VAL A 129 -5.11 12.78 4.56
C VAL A 129 -4.65 12.48 5.99
N LYS A 130 -5.47 11.77 6.77
CA LYS A 130 -5.16 11.49 8.14
C LYS A 130 -3.98 10.53 8.22
N PHE A 131 -4.07 9.46 7.46
CA PHE A 131 -2.91 8.54 7.36
C PHE A 131 -1.62 9.29 7.05
N SER A 132 -1.65 10.19 6.09
CA SER A 132 -0.41 10.87 5.66
C SER A 132 0.14 11.76 6.77
N ASP A 133 -0.77 12.44 7.48
CA ASP A 133 -0.41 13.27 8.59
C ASP A 133 0.32 12.43 9.66
N GLU A 134 -0.30 11.32 10.09
CA GLU A 134 0.30 10.48 11.12
C GLU A 134 1.60 9.84 10.65
N TYR A 135 1.63 9.43 9.39
CA TYR A 135 2.83 8.84 8.80
C TYR A 135 4.05 9.73 9.04
N LEU A 136 3.84 11.05 8.98
CA LEU A 136 4.93 11.99 9.07
C LEU A 136 5.17 12.55 10.48
N THR A 137 4.13 12.61 11.30
CA THR A 137 4.25 13.34 12.57
C THR A 137 4.09 12.44 13.80
N LYS A 138 3.57 11.24 13.62
CA LYS A 138 3.34 10.34 14.74
C LYS A 138 4.51 9.33 14.81
N GLN A 139 4.97 8.99 16.02
CA GLN A 139 6.00 7.96 16.18
C GLN A 139 5.42 6.54 15.89
N TRP A 140 6.05 5.80 14.99
CA TRP A 140 5.55 4.47 14.64
C TRP A 140 6.68 3.51 14.25
N LYS A 141 6.46 2.23 14.51
CA LYS A 141 7.39 1.19 14.04
C LYS A 141 6.79 0.41 12.91
N TYR A 142 5.53 0.00 13.02
CA TYR A 142 4.85 -0.61 11.87
C TYR A 142 3.60 0.19 11.50
N PRO A 143 3.27 0.24 10.20
CA PRO A 143 2.25 1.18 9.76
C PRO A 143 0.84 0.82 10.22
N ILE A 144 0.64 -0.39 10.74
CA ILE A 144 -0.65 -0.77 11.35
C ILE A 144 -0.99 0.16 12.52
N GLU A 145 0.00 0.81 13.13
CA GLU A 145 -0.22 1.76 14.24
C GLU A 145 -0.85 3.06 13.72
N LEU A 146 -0.93 3.21 12.39
CA LEU A 146 -1.42 4.41 11.78
C LEU A 146 -2.85 4.23 11.31
N HIS A 147 -3.61 5.32 11.34
CA HIS A 147 -5.02 5.32 10.92
C HIS A 147 -5.16 4.98 9.45
N GLY A 148 -5.95 3.94 9.16
CA GLY A 148 -6.32 3.53 7.83
C GLY A 148 -5.51 2.35 7.29
N ILE A 149 -4.50 1.91 8.04
CA ILE A 149 -3.73 0.72 7.70
C ILE A 149 -4.04 -0.40 8.72
N GLY A 150 -4.49 -1.55 8.20
CA GLY A 150 -4.78 -2.73 9.00
C GLY A 150 -3.77 -3.84 8.68
N LYS A 151 -4.17 -5.09 8.97
CA LYS A 151 -3.28 -6.24 8.79
C LYS A 151 -2.79 -6.39 7.36
N TYR A 152 -3.66 -6.17 6.36
CA TYR A 152 -3.30 -6.34 4.96
C TYR A 152 -2.24 -5.30 4.55
N GLY A 153 -2.43 -4.06 4.94
CA GLY A 153 -1.42 -3.02 4.63
C GLY A 153 -0.14 -3.29 5.36
N ASN A 154 -0.27 -3.76 6.61
CA ASN A 154 0.93 -4.03 7.44
C ASN A 154 1.71 -5.23 6.92
N ASP A 155 1.00 -6.27 6.55
CA ASP A 155 1.63 -7.45 5.96
C ASP A 155 2.36 -7.12 4.66
N SER A 156 1.73 -6.28 3.82
CA SER A 156 2.36 -5.80 2.60
C SER A 156 3.66 -5.07 2.93
N TYR A 157 3.58 -4.16 3.87
CA TYR A 157 4.79 -3.42 4.32
C TYR A 157 5.88 -4.39 4.78
N ARG A 158 5.50 -5.39 5.58
CA ARG A 158 6.51 -6.25 6.18
C ARG A 158 7.10 -7.25 5.18
N ILE A 159 6.42 -7.45 4.06
CA ILE A 159 6.95 -8.32 2.98
C ILE A 159 7.80 -7.49 2.01
N PHE A 160 7.34 -6.28 1.70
CA PHE A 160 7.92 -5.54 0.56
C PHE A 160 8.87 -4.44 0.96
N CYS A 161 8.59 -3.75 2.06
CA CYS A 161 9.36 -2.56 2.44
C CYS A 161 10.47 -2.89 3.43
N VAL A 162 10.30 -3.95 4.21
CA VAL A 162 11.38 -4.44 5.04
C VAL A 162 11.51 -5.95 4.83
N ASN A 163 12.63 -6.50 5.28
CA ASN A 163 12.88 -7.95 5.11
C ASN A 163 12.25 -8.83 6.19
N GLU A 164 10.94 -8.84 6.33
CA GLU A 164 10.30 -9.67 7.37
C GLU A 164 9.32 -10.70 6.82
N TRP A 165 9.44 -11.00 5.52
CA TRP A 165 8.48 -11.87 4.87
C TRP A 165 8.38 -13.25 5.51
N LYS A 166 9.50 -13.74 6.03
CA LYS A 166 9.50 -15.03 6.72
C LYS A 166 8.63 -15.06 7.97
N GLN A 167 8.42 -13.89 8.59
CA GLN A 167 7.63 -13.80 9.83
C GLN A 167 6.16 -13.49 9.58
N VAL A 168 5.85 -13.11 8.36
CA VAL A 168 4.48 -12.68 8.01
C VAL A 168 3.60 -13.87 7.73
N HIS A 169 2.36 -13.80 8.17
CA HIS A 169 1.37 -14.82 7.87
C HIS A 169 0.09 -14.16 7.32
N PRO A 170 0.06 -13.94 6.01
CA PRO A 170 -1.05 -13.15 5.43
C PRO A 170 -2.40 -13.85 5.52
N GLU A 171 -3.46 -13.04 5.57
CA GLU A 171 -4.82 -13.54 5.42
C GLU A 171 -5.51 -12.95 4.18
N ASN A 172 -4.73 -12.28 3.35
CA ASN A 172 -5.19 -11.71 2.08
C ASN A 172 -4.80 -12.67 0.95
N HIS A 173 -5.76 -13.02 0.11
CA HIS A 173 -5.56 -14.02 -0.89
C HIS A 173 -4.41 -13.68 -1.87
N LYS A 174 -4.39 -12.45 -2.35
CA LYS A 174 -3.38 -12.04 -3.29
C LYS A 174 -1.98 -12.10 -2.63
N LEU A 175 -1.88 -11.59 -1.40
CA LEU A 175 -0.66 -11.63 -0.61
C LEU A 175 -0.19 -13.06 -0.34
N ASN A 176 -1.12 -13.95 -0.03
CA ASN A 176 -0.78 -15.35 0.17
C ASN A 176 -0.19 -15.98 -1.04
N LYS A 177 -0.73 -15.66 -2.20
CA LYS A 177 -0.18 -16.17 -3.47
C LYS A 177 1.30 -15.80 -3.57
N TYR A 178 1.61 -14.52 -3.38
CA TYR A 178 2.99 -14.03 -3.45
C TYR A 178 3.82 -14.71 -2.36
N HIS A 179 3.28 -14.72 -1.15
CA HIS A 179 4.03 -15.20 0.01
C HIS A 179 4.35 -16.70 -0.08
N ASP A 180 3.33 -17.53 -0.39
CA ASP A 180 3.56 -18.92 -0.66
C ASP A 180 4.62 -19.12 -1.74
N TRP A 181 4.53 -18.32 -2.80
CA TRP A 181 5.42 -18.46 -3.93
C TRP A 181 6.84 -18.11 -3.48
N LEU A 182 6.94 -17.14 -2.60
CA LEU A 182 8.23 -16.72 -2.06
C LEU A 182 8.88 -17.89 -1.30
N TRP A 183 8.12 -18.56 -0.42
CA TRP A 183 8.61 -19.71 0.32
C TRP A 183 9.05 -20.82 -0.61
N GLU A 184 8.34 -20.99 -1.73
CA GLU A 184 8.64 -22.09 -2.64
C GLU A 184 9.87 -21.82 -3.47
N ASN A 185 10.24 -20.55 -3.64
CA ASN A 185 11.22 -20.17 -4.61
C ASN A 185 12.41 -19.36 -4.09
N HIS A 186 12.42 -19.09 -2.78
CA HIS A 186 13.48 -18.23 -2.20
C HIS A 186 14.88 -18.81 -2.43
N GLU A 187 15.02 -20.13 -2.39
CA GLU A 187 16.31 -20.78 -2.66
C GLU A 187 16.78 -20.47 -4.09
N LYS A 188 15.95 -20.82 -5.09
CA LYS A 188 16.25 -20.51 -6.50
C LYS A 188 16.58 -19.04 -6.70
N LEU A 189 15.88 -18.16 -6.01
CA LEU A 189 16.05 -16.72 -6.20
C LEU A 189 17.26 -16.16 -5.44
N SER A 190 18.04 -17.03 -4.81
CA SER A 190 19.19 -16.64 -3.99
C SER A 190 18.81 -15.75 -2.81
N LEU A 191 17.80 -16.18 -2.05
CA LEU A 191 17.38 -15.49 -0.83
C LEU A 191 17.55 -16.42 0.38
#